data_6URY
#
_entry.id   6URY
#
_cell.length_a   66.228
_cell.length_b   66.228
_cell.length_c   264.571
_cell.angle_alpha   90.000
_cell.angle_beta   90.000
_cell.angle_gamma   90.000
#
_symmetry.space_group_name_H-M   'P 43 21 2'
#
loop_
_entity.id
_entity.type
_entity.pdbx_description
1 polymer Ricin
2 non-polymer 9-oxo-9H-fluorene-4-carboxamide
3 non-polymer 1,2-ETHANEDIOL
4 non-polymer 'CHLORIDE ION'
5 water water
#
_entity_poly.entity_id   1
_entity_poly.type   'polypeptide(L)'
_entity_poly.pdbx_seq_one_letter_code
;MIFPKQYPIINFTTAGATVQSYTNFIRAVRGRLTTGADVRHEIPVLPNRVGLPINQRFILVELSNHAELSVTLALDVTNA
YVVGYRAGNSAYFFHPDNQEDAEAITHLFTDVQNRYTFAFGGNYDRLEQLAGNLRENIELGNGPLEEAISALYYYSTGGT
QLPTLARSFIICIQMISEAARFQYIEGEMRTRIRYNRRSAPDPSVITLENSWGRLSTAIQESNQGAFASPIQLQRRNGSK
FSVYDVSILIPIIALMVYRCAPPPSSQF
;
_entity_poly.pdbx_strand_id   A,B
#
loop_
_chem_comp.id
_chem_comp.type
_chem_comp.name
_chem_comp.formula
CL non-polymer 'CHLORIDE ION' 'Cl -1'
EDO non-polymer 1,2-ETHANEDIOL 'C2 H6 O2'
R6T non-polymer 9-oxo-9H-fluorene-4-carboxamide 'C14 H9 N O2'
#
# COMPACT_ATOMS: atom_id res chain seq x y z
N MET A 1 -45.79 5.77 9.41
CA MET A 1 -44.74 5.39 10.39
C MET A 1 -43.67 4.53 9.72
N ILE A 2 -42.46 4.52 10.29
CA ILE A 2 -41.41 3.59 9.87
C ILE A 2 -41.00 2.71 11.06
N PHE A 3 -40.98 1.39 10.86
CA PHE A 3 -40.70 0.47 11.96
C PHE A 3 -39.20 0.40 12.18
N PRO A 4 -38.76 0.25 13.44
CA PRO A 4 -37.33 0.05 13.62
C PRO A 4 -36.77 -1.11 12.78
N LYS A 5 -35.54 -0.93 12.30
CA LYS A 5 -34.90 -1.90 11.42
C LYS A 5 -33.40 -1.91 11.73
N GLN A 6 -32.79 -3.09 11.75
CA GLN A 6 -31.34 -3.18 11.98
C GLN A 6 -30.59 -2.33 10.96
N TYR A 7 -29.56 -1.63 11.43
CA TYR A 7 -28.75 -0.85 10.52
C TYR A 7 -27.97 -1.78 9.56
N PRO A 8 -27.67 -1.30 8.34
CA PRO A 8 -26.83 -2.04 7.39
C PRO A 8 -25.45 -2.33 8.01
N ILE A 9 -24.96 -3.55 7.76
CA ILE A 9 -23.68 -4.01 8.28
C ILE A 9 -22.78 -4.34 7.09
N ILE A 10 -21.54 -3.86 7.15
CA ILE A 10 -20.49 -4.13 6.17
C ILE A 10 -19.34 -4.76 6.97
N ASN A 11 -18.66 -5.71 6.39
CA ASN A 11 -17.65 -6.51 7.11
C ASN A 11 -16.31 -6.28 6.45
N PHE A 12 -15.25 -6.24 7.26
CA PHE A 12 -13.88 -6.28 6.72
C PHE A 12 -13.03 -7.05 7.69
N THR A 13 -12.07 -7.78 7.16
CA THR A 13 -11.08 -8.45 7.98
C THR A 13 -9.68 -8.17 7.49
N THR A 14 -8.76 -7.98 8.43
CA THR A 14 -7.36 -7.84 8.07
C THR A 14 -6.71 -9.20 7.78
N ALA A 15 -7.38 -10.28 8.19
CA ALA A 15 -6.83 -11.63 7.99
C ALA A 15 -7.04 -12.05 6.56
N GLY A 16 -5.97 -12.12 5.78
CA GLY A 16 -6.07 -12.39 4.36
C GLY A 16 -6.54 -11.21 3.54
N ALA A 17 -6.41 -9.99 4.09
CA ALA A 17 -6.79 -8.82 3.32
C ALA A 17 -5.97 -8.68 2.03
N THR A 18 -6.64 -8.25 0.98
CA THR A 18 -6.03 -7.94 -0.30
C THR A 18 -6.47 -6.58 -0.78
N VAL A 19 -5.83 -6.11 -1.84
CA VAL A 19 -6.27 -4.89 -2.49
C VAL A 19 -7.73 -5.04 -2.89
N GLN A 20 -8.08 -6.19 -3.46
CA GLN A 20 -9.46 -6.39 -3.88
C GLN A 20 -10.45 -6.37 -2.70
N SER A 21 -10.11 -7.06 -1.61
CA SER A 21 -11.06 -7.15 -0.49
C SER A 21 -11.24 -5.77 0.13
N TYR A 22 -10.16 -5.02 0.22
CA TYR A 22 -10.26 -3.65 0.73
C TYR A 22 -11.06 -2.74 -0.18
N THR A 23 -10.80 -2.81 -1.47
CA THR A 23 -11.54 -2.05 -2.45
C THR A 23 -13.05 -2.38 -2.37
N ASN A 24 -13.37 -3.66 -2.26
CA ASN A 24 -14.78 -4.06 -2.20
C ASN A 24 -15.43 -3.59 -0.92
N PHE A 25 -14.66 -3.55 0.15
CA PHE A 25 -15.13 -3.04 1.43
C PHE A 25 -15.45 -1.54 1.31
N ILE A 26 -14.54 -0.76 0.79
CA ILE A 26 -14.78 0.69 0.65
C ILE A 26 -15.96 0.96 -0.31
N ARG A 27 -16.07 0.18 -1.37
CA ARG A 27 -17.23 0.26 -2.29
C ARG A 27 -18.53 0.04 -1.51
N ALA A 28 -18.53 -0.94 -0.61
CA ALA A 28 -19.70 -1.26 0.16
C ALA A 28 -20.02 -0.13 1.11
N VAL A 29 -18.99 0.45 1.73
CA VAL A 29 -19.21 1.57 2.63
C VAL A 29 -19.89 2.73 1.88
N ARG A 30 -19.31 3.11 0.73
CA ARG A 30 -19.88 4.20 -0.06
C ARG A 30 -21.32 3.89 -0.48
N GLY A 31 -21.56 2.65 -0.85
CA GLY A 31 -22.91 2.23 -1.29
C GLY A 31 -23.92 2.31 -0.18
N ARG A 32 -23.56 1.96 1.05
CA ARG A 32 -24.52 2.02 2.13
C ARG A 32 -24.69 3.44 2.66
N LEU A 33 -23.72 4.31 2.39
CA LEU A 33 -23.77 5.70 2.84
C LEU A 33 -24.68 6.56 2.00
N THR A 34 -24.84 6.22 0.73
CA THR A 34 -25.47 7.11 -0.23
C THR A 34 -26.72 6.47 -0.78
N THR A 35 -27.63 7.28 -1.31
CA THR A 35 -28.81 6.76 -2.03
C THR A 35 -28.53 6.59 -3.50
N GLY A 36 -27.58 7.35 -4.04
CA GLY A 36 -27.34 7.44 -5.47
C GLY A 36 -28.18 8.50 -6.17
N ALA A 37 -29.16 9.07 -5.47
CA ALA A 37 -30.08 10.04 -6.07
C ALA A 37 -29.60 11.50 -5.95
N ASP A 38 -28.58 11.78 -5.12
CA ASP A 38 -28.07 13.12 -4.96
C ASP A 38 -26.60 13.11 -5.34
N VAL A 39 -26.31 13.55 -6.56
CA VAL A 39 -24.97 13.49 -7.14
C VAL A 39 -24.75 14.83 -7.80
N ARG A 40 -23.69 15.53 -7.44
CA ARG A 40 -23.41 16.87 -7.95
C ARG A 40 -21.99 16.89 -8.49
N HIS A 41 -21.82 17.28 -9.75
CA HIS A 41 -20.50 17.22 -10.41
C HIS A 41 -19.86 15.84 -10.35
N GLU A 42 -20.71 14.83 -10.53
CA GLU A 42 -20.34 13.42 -10.51
C GLU A 42 -19.98 12.88 -9.13
N ILE A 43 -20.14 13.69 -8.08
CA ILE A 43 -19.74 13.31 -6.74
C ILE A 43 -21.01 13.16 -5.87
N PRO A 44 -21.21 11.98 -5.28
CA PRO A 44 -22.36 11.76 -4.43
C PRO A 44 -22.36 12.67 -3.21
N VAL A 45 -23.56 13.13 -2.87
CA VAL A 45 -23.78 13.89 -1.68
C VAL A 45 -24.42 12.94 -0.67
N LEU A 46 -23.94 13.04 0.56
CA LEU A 46 -24.49 12.23 1.65
C LEU A 46 -25.88 12.73 2.06
N PRO A 47 -26.67 11.86 2.71
CA PRO A 47 -27.96 12.30 3.22
C PRO A 47 -27.89 13.49 4.16
N ASN A 48 -28.89 14.35 4.06
CA ASN A 48 -29.03 15.50 4.97
C ASN A 48 -29.43 15.01 6.36
N ARG A 49 -28.70 15.44 7.39
CA ARG A 49 -29.04 15.13 8.78
C ARG A 49 -30.44 15.60 9.20
N VAL A 50 -30.88 16.73 8.68
CA VAL A 50 -32.16 17.28 9.12
C VAL A 50 -33.29 16.43 8.61
N GLY A 51 -34.07 15.89 9.54
CA GLY A 51 -35.25 15.12 9.21
C GLY A 51 -34.99 13.72 8.70
N LEU A 52 -33.77 13.22 8.89
CA LEU A 52 -33.42 11.92 8.35
C LEU A 52 -33.99 10.84 9.25
N PRO A 53 -34.68 9.83 8.68
CA PRO A 53 -35.20 8.77 9.56
C PRO A 53 -34.11 8.05 10.29
N ILE A 54 -34.34 7.77 11.56
CA ILE A 54 -33.35 7.15 12.40
C ILE A 54 -32.81 5.83 11.83
N ASN A 55 -33.63 5.03 11.12
CA ASN A 55 -33.14 3.80 10.49
C ASN A 55 -32.09 4.03 9.42
N GLN A 56 -32.09 5.23 8.85
CA GLN A 56 -31.19 5.61 7.78
C GLN A 56 -29.98 6.36 8.27
N ARG A 57 -29.82 6.56 9.57
CA ARG A 57 -28.83 7.52 10.09
C ARG A 57 -27.42 6.94 10.23
N PHE A 58 -27.34 5.63 10.45
CA PHE A 58 -26.04 5.00 10.72
C PHE A 58 -25.84 3.74 9.90
N ILE A 59 -24.57 3.39 9.68
CA ILE A 59 -24.20 2.09 9.18
C ILE A 59 -23.17 1.49 10.11
N LEU A 60 -23.06 0.17 10.12
CA LEU A 60 -22.13 -0.53 10.99
C LEU A 60 -21.05 -1.21 10.19
N VAL A 61 -19.82 -1.10 10.69
CA VAL A 61 -18.67 -1.72 10.07
C VAL A 61 -18.10 -2.73 11.07
N GLU A 62 -18.24 -4.02 10.78
CA GLU A 62 -17.70 -5.07 11.62
C GLU A 62 -16.32 -5.41 11.15
N LEU A 63 -15.33 -5.24 12.03
CA LEU A 63 -13.93 -5.47 11.75
C LEU A 63 -13.44 -6.71 12.49
N SER A 64 -12.80 -7.61 11.77
CA SER A 64 -12.16 -8.81 12.35
C SER A 64 -10.69 -8.81 11.98
N ASN A 65 -9.90 -9.63 12.69
CA ASN A 65 -8.46 -9.61 12.48
C ASN A 65 -7.84 -10.98 12.63
N HIS A 66 -6.51 -11.03 12.46
CA HIS A 66 -5.76 -12.29 12.59
C HIS A 66 -5.85 -12.85 14.01
N ALA A 67 -5.99 -11.99 15.02
CA ALA A 67 -6.19 -12.42 16.38
C ALA A 67 -7.58 -13.07 16.62
N GLU A 68 -8.43 -13.08 15.61
CA GLU A 68 -9.80 -13.60 15.69
C GLU A 68 -10.68 -12.81 16.66
N LEU A 69 -10.39 -11.51 16.75
CA LEU A 69 -11.18 -10.58 17.51
C LEU A 69 -12.05 -9.76 16.56
N SER A 70 -13.13 -9.21 17.09
CA SER A 70 -14.07 -8.42 16.29
C SER A 70 -14.57 -7.25 17.10
N VAL A 71 -14.66 -6.11 16.42
CA VAL A 71 -15.32 -4.92 16.96
C VAL A 71 -16.21 -4.37 15.87
N THR A 72 -17.21 -3.59 16.25
CA THR A 72 -18.08 -2.97 15.28
C THR A 72 -18.11 -1.46 15.45
N LEU A 73 -17.73 -0.75 14.39
CA LEU A 73 -17.77 0.73 14.37
C LEU A 73 -19.13 1.15 13.87
N ALA A 74 -19.61 2.25 14.41
CA ALA A 74 -20.79 2.92 13.84
C ALA A 74 -20.34 4.16 13.08
N LEU A 75 -20.79 4.29 11.83
CA LEU A 75 -20.55 5.49 11.03
C LEU A 75 -21.84 6.28 10.87
N ASP A 76 -21.72 7.59 10.94
CA ASP A 76 -22.83 8.52 10.69
C ASP A 76 -22.91 8.71 9.19
N VAL A 77 -24.07 8.39 8.60
CA VAL A 77 -24.20 8.50 7.17
C VAL A 77 -24.08 9.95 6.67
N THR A 78 -24.32 10.91 7.54
CA THR A 78 -24.36 12.31 7.12
C THR A 78 -22.94 12.86 6.91
N ASN A 79 -21.93 12.25 7.51
CA ASN A 79 -20.57 12.68 7.29
C ASN A 79 -19.53 11.56 7.12
N ALA A 80 -19.98 10.32 7.05
CA ALA A 80 -19.13 9.13 6.92
C ALA A 80 -18.21 8.86 8.10
N TYR A 81 -18.38 9.60 9.19
CA TYR A 81 -17.40 9.56 10.27
C TYR A 81 -17.77 8.59 11.34
N VAL A 82 -16.77 8.08 12.04
CA VAL A 82 -16.98 7.15 13.16
C VAL A 82 -17.55 7.89 14.35
N VAL A 83 -18.66 7.37 14.89
CA VAL A 83 -19.29 7.97 16.06
C VAL A 83 -19.08 7.18 17.35
N GLY A 84 -18.68 5.92 17.22
CA GLY A 84 -18.50 5.05 18.37
C GLY A 84 -18.24 3.64 17.92
N TYR A 85 -18.15 2.74 18.88
CA TYR A 85 -17.93 1.33 18.58
C TYR A 85 -18.48 0.44 19.67
N ARG A 86 -18.65 -0.82 19.29
CA ARG A 86 -19.08 -1.87 20.20
C ARG A 86 -18.10 -3.03 20.16
N ALA A 87 -17.86 -3.63 21.33
CA ALA A 87 -17.12 -4.87 21.44
C ALA A 87 -17.68 -5.60 22.61
N GLY A 88 -18.10 -6.84 22.40
CA GLY A 88 -18.66 -7.62 23.47
C GLY A 88 -19.84 -6.95 24.11
N ASN A 89 -19.76 -6.77 25.44
CA ASN A 89 -20.87 -6.24 26.21
C ASN A 89 -20.85 -4.71 26.41
N SER A 90 -19.97 -4.00 25.68
CA SER A 90 -19.79 -2.58 25.91
C SER A 90 -19.80 -1.80 24.60
N ALA A 91 -20.31 -0.58 24.66
CA ALA A 91 -20.21 0.36 23.55
C ALA A 91 -19.76 1.70 24.05
N TYR A 92 -18.96 2.37 23.22
CA TYR A 92 -18.36 3.66 23.54
C TYR A 92 -18.64 4.63 22.40
N PHE A 93 -18.99 5.87 22.75
CA PHE A 93 -19.33 6.90 21.79
C PHE A 93 -18.52 8.15 22.04
N PHE A 94 -18.10 8.79 20.96
CA PHE A 94 -17.54 10.14 21.05
C PHE A 94 -18.59 11.11 21.53
N HIS A 95 -18.16 12.14 22.24
CA HIS A 95 -19.05 13.17 22.73
C HIS A 95 -19.81 13.86 21.60
N PRO A 96 -21.14 13.80 21.62
CA PRO A 96 -21.89 14.49 20.55
C PRO A 96 -21.85 16.00 20.72
N ASP A 97 -21.92 16.69 19.59
CA ASP A 97 -21.82 18.16 19.55
C ASP A 97 -23.12 18.84 19.96
N ASN A 98 -24.24 18.12 19.96
CA ASN A 98 -25.54 18.73 20.20
C ASN A 98 -26.54 17.69 20.64
N GLN A 99 -27.68 18.17 21.13
CA GLN A 99 -28.68 17.28 21.72
C GLN A 99 -29.32 16.35 20.67
N GLU A 100 -29.51 16.82 19.44
CA GLU A 100 -30.07 15.98 18.38
C GLU A 100 -29.17 14.76 18.11
N ASP A 101 -27.87 15.01 18.02
CA ASP A 101 -26.91 13.91 17.81
C ASP A 101 -26.82 12.98 19.02
N ALA A 102 -26.92 13.52 20.23
CA ALA A 102 -26.95 12.70 21.42
C ALA A 102 -28.17 11.78 21.41
N GLU A 103 -29.31 12.30 20.95
CA GLU A 103 -30.51 11.44 20.84
C GLU A 103 -30.30 10.36 19.79
N ALA A 104 -29.73 10.72 18.65
CA ALA A 104 -29.55 9.75 17.56
C ALA A 104 -28.73 8.55 18.04
N ILE A 105 -27.65 8.79 18.76
CA ILE A 105 -26.79 7.66 19.18
C ILE A 105 -27.43 6.72 20.23
N THR A 106 -28.50 7.14 20.86
CA THR A 106 -29.24 6.22 21.73
C THR A 106 -29.86 5.05 20.96
N HIS A 107 -29.94 5.15 19.64
CA HIS A 107 -30.43 4.08 18.79
C HIS A 107 -29.37 3.07 18.34
N LEU A 108 -28.10 3.30 18.75
CA LEU A 108 -26.99 2.45 18.39
C LEU A 108 -26.66 1.45 19.48
N PHE A 109 -26.39 0.22 19.05
CA PHE A 109 -25.87 -0.82 19.96
C PHE A 109 -26.79 -0.99 21.16
N THR A 110 -28.08 -1.07 20.89
CA THR A 110 -29.06 -1.02 21.95
C THR A 110 -29.14 -2.33 22.75
N ASP A 111 -28.45 -3.38 22.33
CA ASP A 111 -28.34 -4.63 23.06
C ASP A 111 -27.19 -4.70 24.05
N VAL A 112 -26.28 -3.73 24.06
CA VAL A 112 -25.11 -3.85 24.94
C VAL A 112 -25.53 -3.63 26.38
N GLN A 113 -24.80 -4.27 27.28
CA GLN A 113 -25.01 -4.12 28.70
C GLN A 113 -24.56 -2.75 29.20
N ASN A 114 -23.41 -2.28 28.70
CA ASN A 114 -22.77 -1.08 29.19
C ASN A 114 -22.55 -0.10 28.07
N ARG A 115 -23.09 1.11 28.23
CA ARG A 115 -22.95 2.18 27.24
C ARG A 115 -22.23 3.35 27.87
N TYR A 116 -21.30 3.95 27.13
CA TYR A 116 -20.53 5.07 27.65
C TYR A 116 -20.33 6.09 26.55
N THR A 117 -20.48 7.35 26.89
CA THR A 117 -20.11 8.45 26.00
C THR A 117 -18.89 9.13 26.60
N PHE A 118 -17.81 9.14 25.84
CA PHE A 118 -16.59 9.85 26.25
C PHE A 118 -16.89 11.35 26.40
N ALA A 119 -16.13 11.99 27.28
CA ALA A 119 -16.17 13.45 27.41
C ALA A 119 -15.62 14.17 26.20
N PHE A 120 -14.75 13.49 25.46
CA PHE A 120 -14.08 14.04 24.29
C PHE A 120 -14.76 13.60 23.01
N GLY A 121 -14.66 14.46 22.01
CA GLY A 121 -15.09 14.13 20.65
C GLY A 121 -14.03 13.37 19.87
N GLY A 122 -14.39 13.01 18.65
CA GLY A 122 -13.56 12.23 17.76
C GLY A 122 -12.78 13.04 16.73
N ASN A 123 -12.70 14.35 16.93
CA ASN A 123 -11.91 15.20 16.03
C ASN A 123 -10.42 14.90 16.15
N TYR A 124 -9.70 15.01 15.03
CA TYR A 124 -8.27 14.71 15.04
C TYR A 124 -7.47 15.52 16.05
N ASP A 125 -7.79 16.79 16.23
CA ASP A 125 -6.98 17.62 17.15
C ASP A 125 -6.96 16.97 18.54
N ARG A 126 -8.12 16.54 18.99
CA ARG A 126 -8.25 15.92 20.29
C ARG A 126 -7.65 14.53 20.32
N LEU A 127 -7.95 13.73 19.31
CA LEU A 127 -7.44 12.36 19.31
C LEU A 127 -5.91 12.33 19.24
N GLU A 128 -5.32 13.24 18.46
CA GLU A 128 -3.86 13.33 18.36
C GLU A 128 -3.26 13.66 19.70
N GLN A 129 -3.88 14.59 20.42
CA GLN A 129 -3.40 14.94 21.75
C GLN A 129 -3.44 13.75 22.67
N LEU A 130 -4.58 13.05 22.69
CA LEU A 130 -4.69 11.86 23.52
C LEU A 130 -3.69 10.79 23.12
N ALA A 131 -3.49 10.62 21.81
CA ALA A 131 -2.57 9.59 21.32
C ALA A 131 -1.10 9.92 21.62
N GLY A 132 -0.81 11.21 21.79
CA GLY A 132 0.56 11.67 21.87
C GLY A 132 1.32 11.72 20.57
N ASN A 133 0.61 11.65 19.44
CA ASN A 133 1.23 11.83 18.14
C ASN A 133 0.26 12.46 17.17
N LEU A 134 0.81 13.28 16.29
CA LEU A 134 0.07 13.81 15.16
C LEU A 134 -0.13 12.72 14.11
N ARG A 135 -1.13 12.94 13.25
CA ARG A 135 -1.35 12.02 12.12
C ARG A 135 -0.10 11.77 11.29
N GLU A 136 0.74 12.78 11.11
CA GLU A 136 1.95 12.64 10.32
C GLU A 136 2.94 11.62 10.89
N ASN A 137 2.75 11.21 12.16
CA ASN A 137 3.60 10.23 12.80
C ASN A 137 2.87 8.99 13.27
N ILE A 138 1.66 8.75 12.73
CA ILE A 138 0.91 7.53 13.03
C ILE A 138 0.81 6.70 11.76
N GLU A 139 1.45 5.55 11.74
CA GLU A 139 1.48 4.71 10.56
C GLU A 139 0.11 4.09 10.28
N LEU A 140 -0.21 4.01 8.99
CA LEU A 140 -1.43 3.36 8.51
C LEU A 140 -1.05 2.15 7.67
N GLY A 141 -2.00 1.23 7.55
CA GLY A 141 -1.84 0.03 6.74
C GLY A 141 -2.55 -1.13 7.41
N ASN A 142 -2.44 -2.32 6.82
CA ASN A 142 -3.13 -3.48 7.35
C ASN A 142 -2.59 -3.89 8.72
N GLY A 143 -1.28 -3.73 8.93
CA GLY A 143 -0.66 -4.04 10.22
C GLY A 143 -1.19 -3.12 11.32
N PRO A 144 -1.12 -1.80 11.10
CA PRO A 144 -1.70 -0.90 12.09
C PRO A 144 -3.19 -1.17 12.38
N LEU A 145 -3.95 -1.47 11.32
CA LEU A 145 -5.36 -1.75 11.50
C LEU A 145 -5.62 -3.02 12.33
N GLU A 146 -4.83 -4.06 12.05
CA GLU A 146 -4.89 -5.30 12.81
C GLU A 146 -4.82 -5.02 14.31
N GLU A 147 -3.81 -4.25 14.68
CA GLU A 147 -3.52 -4.00 16.11
C GLU A 147 -4.52 -3.01 16.71
N ALA A 148 -5.00 -2.09 15.89
CA ALA A 148 -6.07 -1.17 16.34
C ALA A 148 -7.34 -1.92 16.72
N ILE A 149 -7.68 -2.93 15.93
CA ILE A 149 -8.87 -3.74 16.22
C ILE A 149 -8.73 -4.41 17.61
N SER A 150 -7.56 -4.97 17.88
CA SER A 150 -7.35 -5.62 19.16
C SER A 150 -7.38 -4.65 20.31
N ALA A 151 -6.81 -3.47 20.11
CA ALA A 151 -6.84 -2.43 21.14
C ALA A 151 -8.28 -2.03 21.48
N LEU A 152 -9.09 -1.81 20.44
CA LEU A 152 -10.49 -1.48 20.69
C LEU A 152 -11.17 -2.62 21.42
N TYR A 153 -10.89 -3.85 21.02
CA TYR A 153 -11.54 -5.01 21.60
C TYR A 153 -11.31 -5.09 23.12
N TYR A 154 -10.06 -4.86 23.54
CA TYR A 154 -9.71 -5.04 24.93
C TYR A 154 -9.90 -3.82 25.83
N TYR A 155 -10.40 -2.72 25.29
CA TYR A 155 -10.50 -1.50 26.10
C TYR A 155 -11.36 -1.68 27.34
N SER A 156 -12.54 -2.28 27.19
CA SER A 156 -13.45 -2.37 28.34
C SER A 156 -12.92 -3.18 29.51
N THR A 157 -11.99 -4.10 29.24
CA THR A 157 -11.49 -4.98 30.28
C THR A 157 -10.17 -4.47 30.88
N GLY A 158 -9.77 -3.26 30.52
CA GLY A 158 -8.56 -2.67 31.10
C GLY A 158 -7.31 -2.99 30.32
N GLY A 159 -7.44 -3.58 29.13
CA GLY A 159 -6.28 -3.99 28.34
C GLY A 159 -5.62 -2.92 27.49
N THR A 160 -6.21 -1.73 27.45
CA THR A 160 -5.81 -0.71 26.47
C THR A 160 -5.66 0.64 27.09
N GLN A 161 -4.48 1.21 26.92
CA GLN A 161 -4.17 2.54 27.38
C GLN A 161 -4.99 3.55 26.63
N LEU A 162 -5.32 4.67 27.26
CA LEU A 162 -6.03 5.74 26.54
C LEU A 162 -5.30 6.21 25.26
N PRO A 163 -3.97 6.46 25.33
CA PRO A 163 -3.30 6.87 24.10
C PRO A 163 -3.40 5.85 22.98
N THR A 164 -3.34 4.57 23.34
CA THR A 164 -3.46 3.50 22.35
C THR A 164 -4.87 3.45 21.77
N LEU A 165 -5.87 3.66 22.60
CA LEU A 165 -7.24 3.74 22.09
C LEU A 165 -7.38 4.88 21.09
N ALA A 166 -6.85 6.04 21.45
CA ALA A 166 -6.96 7.22 20.59
C ALA A 166 -6.24 6.99 19.26
N ARG A 167 -5.04 6.42 19.33
N ARG A 167 -5.04 6.42 19.33
CA ARG A 167 -4.28 6.10 18.13
CA ARG A 167 -4.28 6.10 18.12
C ARG A 167 -5.05 5.13 17.23
C ARG A 167 -5.05 5.13 17.23
N SER A 168 -5.66 4.14 17.87
CA SER A 168 -6.44 3.12 17.15
C SER A 168 -7.64 3.78 16.44
N PHE A 169 -8.31 4.73 17.10
CA PHE A 169 -9.39 5.47 16.43
C PHE A 169 -8.85 6.23 15.23
N ILE A 170 -7.71 6.89 15.39
CA ILE A 170 -7.12 7.65 14.29
C ILE A 170 -6.88 6.74 13.05
N ILE A 171 -6.38 5.54 13.32
CA ILE A 171 -6.13 4.55 12.25
C ILE A 171 -7.43 4.15 11.56
N CYS A 172 -8.42 3.78 12.36
CA CYS A 172 -9.69 3.31 11.80
C CYS A 172 -10.38 4.41 11.02
N ILE A 173 -10.38 5.61 11.55
CA ILE A 173 -11.09 6.72 10.90
C ILE A 173 -10.48 6.98 9.53
N GLN A 174 -9.16 7.03 9.44
CA GLN A 174 -8.55 7.33 8.16
C GLN A 174 -8.73 6.20 7.16
N MET A 175 -8.59 4.95 7.63
CA MET A 175 -8.64 3.82 6.73
C MET A 175 -10.05 3.45 6.27
N ILE A 176 -11.05 3.98 6.97
CA ILE A 176 -12.45 3.68 6.67
C ILE A 176 -13.20 4.95 6.26
N SER A 177 -13.38 5.89 7.19
CA SER A 177 -14.13 7.13 6.86
C SER A 177 -13.47 7.94 5.79
N GLU A 178 -12.16 8.22 5.95
CA GLU A 178 -11.51 9.12 4.98
C GLU A 178 -11.33 8.42 3.65
N ALA A 179 -11.07 7.12 3.66
CA ALA A 179 -11.00 6.32 2.43
C ALA A 179 -12.33 6.31 1.69
N ALA A 180 -13.44 6.23 2.45
CA ALA A 180 -14.77 6.30 1.81
C ALA A 180 -14.98 7.69 1.18
N ARG A 181 -14.54 8.73 1.89
CA ARG A 181 -14.72 10.11 1.42
C ARG A 181 -13.90 10.45 0.21
N PHE A 182 -12.72 9.84 0.06
CA PHE A 182 -11.77 10.23 -1.00
C PHE A 182 -11.21 9.02 -1.70
N GLN A 183 -11.44 8.90 -3.00
CA GLN A 183 -10.78 7.88 -3.81
C GLN A 183 -9.26 7.99 -3.65
N TYR A 184 -8.78 9.20 -3.51
CA TYR A 184 -7.32 9.39 -3.36
C TYR A 184 -6.79 8.69 -2.11
N ILE A 185 -7.54 8.78 -1.02
CA ILE A 185 -7.10 8.16 0.24
C ILE A 185 -7.33 6.67 0.18
N GLU A 186 -8.44 6.23 -0.42
CA GLU A 186 -8.61 4.80 -0.71
C GLU A 186 -7.38 4.28 -1.44
N GLY A 187 -6.92 5.00 -2.46
CA GLY A 187 -5.77 4.58 -3.25
C GLY A 187 -4.51 4.48 -2.42
N GLU A 188 -4.32 5.44 -1.52
CA GLU A 188 -3.20 5.42 -0.58
C GLU A 188 -3.22 4.16 0.27
N MET A 189 -4.40 3.76 0.72
CA MET A 189 -4.50 2.56 1.54
C MET A 189 -4.33 1.29 0.71
N ARG A 190 -4.85 1.30 -0.50
CA ARG A 190 -4.66 0.18 -1.42
C ARG A 190 -3.18 -0.08 -1.66
N THR A 191 -2.42 0.99 -1.87
CA THR A 191 -0.97 0.85 -2.13
C THR A 191 -0.26 0.27 -0.93
N ARG A 192 -0.61 0.74 0.27
CA ARG A 192 -0.04 0.17 1.49
C ARG A 192 -0.36 -1.32 1.60
N ILE A 193 -1.59 -1.70 1.31
CA ILE A 193 -1.99 -3.10 1.39
C ILE A 193 -1.24 -3.92 0.35
N ARG A 194 -1.17 -3.42 -0.87
CA ARG A 194 -0.47 -4.12 -1.98
C ARG A 194 0.95 -4.52 -1.60
N TYR A 195 1.66 -3.62 -0.91
CA TYR A 195 3.06 -3.84 -0.57
C TYR A 195 3.30 -4.32 0.87
N ASN A 196 2.23 -4.63 1.61
CA ASN A 196 2.32 -4.87 3.05
C ASN A 196 3.20 -3.85 3.77
N ARG A 197 2.89 -2.59 3.45
CA ARG A 197 3.58 -1.46 3.94
C ARG A 197 2.79 -0.79 5.08
N ARG A 198 3.53 -0.25 6.03
CA ARG A 198 2.98 0.64 7.03
C ARG A 198 3.68 1.99 6.89
N SER A 199 2.91 3.06 6.85
CA SER A 199 3.49 4.39 6.69
C SER A 199 2.47 5.43 7.05
N ALA A 200 2.95 6.52 7.60
CA ALA A 200 2.08 7.62 7.98
C ALA A 200 1.61 8.35 6.72
N PRO A 201 0.45 9.03 6.82
CA PRO A 201 -0.05 9.84 5.69
C PRO A 201 0.83 11.05 5.44
N ASP A 202 1.02 11.37 4.16
CA ASP A 202 1.79 12.54 3.76
C ASP A 202 0.89 13.81 3.78
N PRO A 203 1.47 15.00 3.57
CA PRO A 203 0.68 16.20 3.69
C PRO A 203 -0.49 16.28 2.72
N SER A 204 -0.41 15.61 1.57
CA SER A 204 -1.54 15.65 0.61
C SER A 204 -2.78 14.98 1.23
N VAL A 205 -2.55 13.89 1.95
CA VAL A 205 -3.65 13.16 2.59
C VAL A 205 -4.18 13.95 3.77
N ILE A 206 -3.29 14.45 4.60
CA ILE A 206 -3.70 15.16 5.80
C ILE A 206 -4.50 16.41 5.45
N THR A 207 -4.03 17.17 4.45
CA THR A 207 -4.74 18.37 4.07
C THR A 207 -6.11 18.07 3.43
N LEU A 208 -6.20 17.01 2.64
CA LEU A 208 -7.52 16.58 2.14
C LEU A 208 -8.48 16.28 3.29
N GLU A 209 -8.01 15.53 4.27
CA GLU A 209 -8.83 15.20 5.44
C GLU A 209 -9.30 16.49 6.10
N ASN A 210 -8.36 17.42 6.31
CA ASN A 210 -8.69 18.66 7.02
C ASN A 210 -9.69 19.50 6.24
N SER A 211 -9.65 19.37 4.92
CA SER A 211 -10.39 20.25 4.03
C SER A 211 -11.70 19.68 3.54
N TRP A 212 -12.09 18.49 3.98
CA TRP A 212 -13.23 17.80 3.36
C TRP A 212 -14.52 18.61 3.45
N GLY A 213 -14.77 19.21 4.61
CA GLY A 213 -15.98 20.01 4.80
C GLY A 213 -15.93 21.25 3.94
N ARG A 214 -14.76 21.90 3.89
CA ARG A 214 -14.60 23.11 3.05
C ARG A 214 -14.75 22.79 1.57
N LEU A 215 -14.24 21.64 1.16
CA LEU A 215 -14.36 21.20 -0.24
C LEU A 215 -15.81 20.90 -0.60
N SER A 216 -16.52 20.22 0.31
CA SER A 216 -17.95 19.95 0.14
C SER A 216 -18.71 21.26 -0.07
N THR A 217 -18.44 22.25 0.75
CA THR A 217 -19.08 23.57 0.63
C THR A 217 -18.71 24.24 -0.70
N ALA A 218 -17.43 24.29 -1.01
CA ALA A 218 -16.96 24.95 -2.22
C ALA A 218 -17.58 24.36 -3.47
N ILE A 219 -17.66 23.04 -3.54
CA ILE A 219 -18.22 22.37 -4.69
C ILE A 219 -19.71 22.65 -4.80
N GLN A 220 -20.44 22.53 -3.69
CA GLN A 220 -21.89 22.69 -3.74
C GLN A 220 -22.32 24.14 -3.95
N GLU A 221 -21.50 25.08 -3.58
CA GLU A 221 -21.77 26.51 -3.79
C GLU A 221 -21.17 27.05 -5.10
N SER A 222 -20.50 26.19 -5.87
CA SER A 222 -19.78 26.60 -7.05
C SER A 222 -20.72 27.04 -8.19
N ASN A 223 -20.20 27.88 -9.08
CA ASN A 223 -20.93 28.32 -10.26
C ASN A 223 -20.47 27.44 -11.42
N GLN A 224 -21.30 26.46 -11.78
CA GLN A 224 -21.00 25.46 -12.81
C GLN A 224 -19.60 24.84 -12.54
N GLY A 225 -19.30 24.58 -11.26
CA GLY A 225 -18.02 24.00 -10.89
C GLY A 225 -16.93 24.97 -10.45
N ALA A 226 -17.05 26.25 -10.81
CA ALA A 226 -16.06 27.25 -10.43
C ALA A 226 -16.28 27.73 -9.00
N PHE A 227 -15.26 27.59 -8.16
CA PHE A 227 -15.37 27.98 -6.75
C PHE A 227 -15.48 29.48 -6.56
N ALA A 228 -16.28 29.88 -5.57
CA ALA A 228 -16.43 31.30 -5.20
C ALA A 228 -15.20 31.81 -4.49
N SER A 229 -14.49 30.91 -3.79
CA SER A 229 -13.16 31.26 -3.30
C SER A 229 -12.31 30.01 -3.30
N PRO A 230 -10.99 30.16 -3.57
CA PRO A 230 -10.13 28.96 -3.68
C PRO A 230 -9.98 28.21 -2.37
N ILE A 231 -9.64 26.93 -2.47
CA ILE A 231 -9.36 26.11 -1.31
C ILE A 231 -7.89 25.74 -1.42
N GLN A 232 -7.15 25.92 -0.32
CA GLN A 232 -5.73 25.58 -0.31
C GLN A 232 -5.54 24.11 0.11
N LEU A 233 -4.71 23.41 -0.65
CA LEU A 233 -4.30 22.03 -0.31
C LEU A 233 -2.79 21.94 -0.35
N GLN A 234 -2.25 20.77 0.00
CA GLN A 234 -0.81 20.56 -0.07
C GLN A 234 -0.48 19.42 -0.98
N ARG A 235 0.64 19.54 -1.68
CA ARG A 235 1.20 18.44 -2.45
C ARG A 235 1.86 17.44 -1.49
N ARG A 236 2.32 16.32 -2.03
CA ARG A 236 2.99 15.30 -1.18
C ARG A 236 4.23 15.81 -0.45
N ASN A 237 4.91 16.80 -1.04
CA ASN A 237 6.07 17.42 -0.43
C ASN A 237 5.77 18.57 0.53
N GLY A 238 4.47 18.84 0.77
CA GLY A 238 4.03 19.85 1.69
C GLY A 238 3.80 21.24 1.06
N SER A 239 4.16 21.41 -0.21
CA SER A 239 3.99 22.70 -0.86
C SER A 239 2.51 23.00 -1.07
N LYS A 240 2.15 24.27 -0.84
CA LYS A 240 0.76 24.70 -0.92
C LYS A 240 0.34 25.02 -2.35
N PHE A 241 -0.91 24.70 -2.68
CA PHE A 241 -1.49 25.10 -3.96
C PHE A 241 -2.97 25.33 -3.78
N SER A 242 -3.56 26.10 -4.68
CA SER A 242 -4.98 26.42 -4.61
C SER A 242 -5.78 25.70 -5.67
N VAL A 243 -6.97 25.28 -5.27
CA VAL A 243 -7.92 24.68 -6.19
C VAL A 243 -9.05 25.68 -6.38
N TYR A 244 -9.42 25.85 -7.65
CA TYR A 244 -10.41 26.88 -8.06
C TYR A 244 -11.67 26.30 -8.69
N ASP A 245 -11.70 25.00 -8.93
CA ASP A 245 -12.74 24.38 -9.71
C ASP A 245 -12.86 22.93 -9.32
N VAL A 246 -14.08 22.41 -9.44
CA VAL A 246 -14.32 21.00 -9.12
C VAL A 246 -13.58 20.02 -10.02
N SER A 247 -13.27 20.40 -11.26
N SER A 247 -13.26 20.42 -11.26
CA SER A 247 -12.79 19.44 -12.25
CA SER A 247 -12.80 19.45 -12.24
C SER A 247 -11.63 18.58 -11.74
C SER A 247 -11.64 18.58 -11.73
N ILE A 248 -10.63 19.24 -11.15
CA ILE A 248 -9.43 18.53 -10.67
C ILE A 248 -9.74 17.58 -9.53
N LEU A 249 -10.84 17.82 -8.81
CA LEU A 249 -11.21 16.98 -7.66
C LEU A 249 -12.12 15.82 -7.98
N ILE A 250 -12.69 15.74 -9.16
CA ILE A 250 -13.63 14.66 -9.46
C ILE A 250 -12.99 13.25 -9.27
N PRO A 251 -11.72 13.06 -9.68
CA PRO A 251 -11.09 11.75 -9.43
C PRO A 251 -10.57 11.56 -8.00
N ILE A 252 -10.70 12.58 -7.16
CA ILE A 252 -10.09 12.64 -5.81
C ILE A 252 -11.09 12.45 -4.69
N ILE A 253 -12.21 13.17 -4.78
CA ILE A 253 -13.25 13.15 -3.75
C ILE A 253 -14.45 12.30 -4.18
N ALA A 254 -14.90 11.43 -3.29
CA ALA A 254 -15.96 10.43 -3.58
C ALA A 254 -17.30 10.71 -2.92
N LEU A 255 -17.30 11.49 -1.84
CA LEU A 255 -18.50 11.81 -1.06
C LEU A 255 -18.40 13.23 -0.57
N MET A 256 -19.53 13.92 -0.39
CA MET A 256 -19.58 15.25 0.23
C MET A 256 -20.68 15.32 1.25
N VAL A 257 -20.43 16.08 2.31
CA VAL A 257 -21.47 16.37 3.30
C VAL A 257 -22.50 17.31 2.66
N TYR A 258 -23.77 17.06 2.95
CA TYR A 258 -24.87 17.87 2.44
C TYR A 258 -24.74 19.31 2.90
N ARG A 259 -24.90 20.23 1.96
CA ARG A 259 -24.93 21.66 2.30
C ARG A 259 -26.20 22.32 1.75
N CYS A 260 -26.74 23.24 2.54
CA CYS A 260 -27.78 24.16 2.07
C CYS A 260 -27.72 25.48 2.85
N ALA A 261 -28.27 26.52 2.23
CA ALA A 261 -28.40 27.84 2.87
C ALA A 261 -29.87 28.23 2.86
N PRO A 262 -30.36 28.85 3.96
CA PRO A 262 -31.76 29.29 3.99
C PRO A 262 -32.00 30.44 3.04
N PRO A 263 -33.28 30.72 2.70
CA PRO A 263 -33.51 31.81 1.77
C PRO A 263 -33.06 33.15 2.35
N PRO A 264 -32.84 34.16 1.48
CA PRO A 264 -32.73 35.51 2.02
C PRO A 264 -34.02 35.95 2.71
N SER A 265 -33.92 36.91 3.63
CA SER A 265 -35.10 37.53 4.22
C SER A 265 -36.01 38.03 3.09
N SER A 266 -37.32 37.85 3.25
CA SER A 266 -38.34 38.32 2.28
C SER A 266 -39.21 39.44 2.84
N GLN A 267 -38.83 40.02 3.98
CA GLN A 267 -39.53 41.17 4.53
C GLN A 267 -38.57 42.02 5.34
N PHE A 268 -38.78 43.33 5.30
CA PHE A 268 -38.01 44.26 6.13
C PHE A 268 -38.30 43.99 7.61
N PRO B 4 3.09 -30.01 -9.04
CA PRO B 4 3.09 -31.00 -10.11
C PRO B 4 4.22 -30.87 -11.13
N LYS B 5 4.83 -29.68 -11.29
CA LYS B 5 5.88 -29.52 -12.30
C LYS B 5 7.06 -28.71 -11.78
N GLN B 6 8.28 -29.16 -12.06
CA GLN B 6 9.48 -28.44 -11.60
C GLN B 6 9.48 -27.02 -12.16
N TYR B 7 9.80 -26.05 -11.31
CA TYR B 7 9.93 -24.68 -11.81
C TYR B 7 11.17 -24.56 -12.71
N PRO B 8 11.12 -23.66 -13.70
CA PRO B 8 12.26 -23.44 -14.59
C PRO B 8 13.48 -22.96 -13.80
N ILE B 9 14.67 -23.41 -14.18
CA ILE B 9 15.92 -23.03 -13.56
C ILE B 9 16.80 -22.31 -14.59
N ILE B 10 17.36 -21.17 -14.19
CA ILE B 10 18.35 -20.45 -14.98
C ILE B 10 19.64 -20.45 -14.16
N ASN B 11 20.76 -20.76 -14.81
CA ASN B 11 22.04 -20.87 -14.12
C ASN B 11 22.92 -19.65 -14.46
N PHE B 12 23.62 -19.14 -13.45
CA PHE B 12 24.66 -18.13 -13.68
C PHE B 12 25.80 -18.42 -12.73
N THR B 13 27.01 -18.14 -13.19
CA THR B 13 28.18 -18.20 -12.32
C THR B 13 28.99 -16.93 -12.42
N THR B 14 29.51 -16.48 -11.29
CA THR B 14 30.43 -15.35 -11.29
C THR B 14 31.83 -15.77 -11.75
N ALA B 15 32.11 -17.07 -11.76
CA ALA B 15 33.44 -17.57 -12.15
C ALA B 15 33.64 -17.40 -13.65
N GLY B 16 34.54 -16.48 -14.00
CA GLY B 16 34.79 -16.14 -15.38
C GLY B 16 33.70 -15.31 -16.02
N ALA B 17 32.86 -14.66 -15.21
CA ALA B 17 31.73 -13.93 -15.80
C ALA B 17 32.21 -12.79 -16.69
N THR B 18 31.46 -12.57 -17.76
CA THR B 18 31.70 -11.50 -18.70
C THR B 18 30.45 -10.69 -18.92
N VAL B 19 30.59 -9.59 -19.64
CA VAL B 19 29.44 -8.80 -20.04
C VAL B 19 28.49 -9.70 -20.81
N GLN B 20 29.02 -10.52 -21.72
CA GLN B 20 28.14 -11.40 -22.49
C GLN B 20 27.42 -12.42 -21.61
N SER B 21 28.12 -13.06 -20.68
CA SER B 21 27.49 -14.12 -19.89
C SER B 21 26.40 -13.53 -19.00
N TYR B 22 26.69 -12.36 -18.45
CA TYR B 22 25.68 -11.65 -17.64
C TYR B 22 24.48 -11.20 -18.45
N THR B 23 24.72 -10.63 -19.62
CA THR B 23 23.65 -10.24 -20.52
C THR B 23 22.78 -11.43 -20.91
N ASN B 24 23.41 -12.56 -21.22
CA ASN B 24 22.64 -13.77 -21.59
C ASN B 24 21.78 -14.25 -20.42
N PHE B 25 22.34 -14.14 -19.21
CA PHE B 25 21.63 -14.52 -18.01
C PHE B 25 20.39 -13.64 -17.80
N ILE B 26 20.57 -12.32 -17.84
CA ILE B 26 19.43 -11.42 -17.61
C ILE B 26 18.36 -11.63 -18.70
N ARG B 27 18.79 -11.81 -19.95
CA ARG B 27 17.84 -12.11 -21.02
C ARG B 27 17.03 -13.38 -20.76
N ALA B 28 17.69 -14.40 -20.23
CA ALA B 28 17.03 -15.66 -19.92
C ALA B 28 16.02 -15.44 -18.78
N VAL B 29 16.41 -14.65 -17.79
CA VAL B 29 15.48 -14.37 -16.70
C VAL B 29 14.24 -13.68 -17.22
N ARG B 30 14.38 -12.64 -18.03
CA ARG B 30 13.24 -11.93 -18.60
C ARG B 30 12.36 -12.88 -19.42
N GLY B 31 13.00 -13.76 -20.17
CA GLY B 31 12.25 -14.75 -20.97
C GLY B 31 11.42 -15.69 -20.13
N ARG B 32 11.93 -16.13 -19.00
CA ARG B 32 11.17 -17.05 -18.15
C ARG B 32 10.11 -16.32 -17.31
N LEU B 33 10.28 -15.01 -17.12
CA LEU B 33 9.35 -14.22 -16.33
C LEU B 33 8.08 -13.86 -17.09
N THR B 34 8.18 -13.78 -18.41
CA THR B 34 7.10 -13.21 -19.21
C THR B 34 6.57 -14.28 -20.16
N THR B 35 5.32 -14.10 -20.59
CA THR B 35 4.76 -14.99 -21.62
C THR B 35 5.02 -14.47 -23.02
N GLY B 36 5.21 -13.16 -23.14
CA GLY B 36 5.29 -12.47 -24.42
C GLY B 36 3.94 -12.04 -24.97
N ALA B 37 2.85 -12.46 -24.32
CA ALA B 37 1.49 -12.17 -24.82
C ALA B 37 0.88 -10.89 -24.25
N ASP B 38 1.50 -10.32 -23.20
CA ASP B 38 1.03 -9.08 -22.61
C ASP B 38 2.14 -8.05 -22.71
N VAL B 39 2.02 -7.16 -23.68
CA VAL B 39 2.99 -6.10 -23.95
C VAL B 39 2.16 -4.85 -24.14
N ARG B 40 2.46 -3.81 -23.37
CA ARG B 40 1.68 -2.59 -23.38
C ARG B 40 2.60 -1.42 -23.62
N HIS B 41 2.30 -0.63 -24.65
CA HIS B 41 3.15 0.50 -25.05
C HIS B 41 4.61 0.07 -25.28
N GLU B 42 4.73 -1.11 -25.91
CA GLU B 42 5.99 -1.75 -26.24
C GLU B 42 6.75 -2.37 -25.07
N ILE B 43 6.20 -2.31 -23.86
CA ILE B 43 6.87 -2.85 -22.67
C ILE B 43 6.14 -4.11 -22.14
N PRO B 44 6.86 -5.23 -22.02
CA PRO B 44 6.25 -6.46 -21.49
C PRO B 44 5.71 -6.32 -20.09
N VAL B 45 4.57 -6.93 -19.85
CA VAL B 45 3.94 -6.96 -18.55
C VAL B 45 4.11 -8.36 -17.98
N LEU B 46 4.37 -8.41 -16.69
CA LEU B 46 4.49 -9.68 -15.98
C LEU B 46 3.11 -10.32 -15.76
N PRO B 47 3.09 -11.64 -15.51
CA PRO B 47 1.80 -12.29 -15.15
C PRO B 47 1.09 -11.68 -13.98
N ASN B 48 -0.23 -11.65 -14.05
CA ASN B 48 -1.07 -11.15 -12.94
C ASN B 48 -1.07 -12.16 -11.79
N ARG B 49 -0.76 -11.72 -10.58
CA ARG B 49 -0.81 -12.58 -9.41
C ARG B 49 -2.19 -13.16 -9.13
N VAL B 50 -3.23 -12.42 -9.43
CA VAL B 50 -4.59 -12.90 -9.09
C VAL B 50 -4.95 -14.08 -9.99
N GLY B 51 -5.19 -15.21 -9.34
CA GLY B 51 -5.58 -16.42 -10.02
C GLY B 51 -4.53 -17.14 -10.82
N LEU B 52 -3.25 -16.83 -10.60
CA LEU B 52 -2.20 -17.44 -11.37
C LEU B 52 -1.94 -18.88 -10.91
N PRO B 53 -1.89 -19.85 -11.84
CA PRO B 53 -1.62 -21.22 -11.39
C PRO B 53 -0.26 -21.36 -10.71
N ILE B 54 -0.25 -22.10 -9.61
CA ILE B 54 0.93 -22.25 -8.80
C ILE B 54 2.14 -22.77 -9.59
N ASN B 55 1.95 -23.62 -10.60
CA ASN B 55 3.08 -24.10 -11.42
C ASN B 55 3.75 -23.01 -12.23
N GLN B 56 3.05 -21.91 -12.44
CA GLN B 56 3.57 -20.80 -13.21
C GLN B 56 4.11 -19.68 -12.33
N ARG B 57 4.13 -19.86 -11.01
CA ARG B 57 4.29 -18.70 -10.10
C ARG B 57 5.74 -18.26 -9.87
N PHE B 58 6.66 -19.21 -9.97
CA PHE B 58 8.05 -18.97 -9.61
C PHE B 58 9.01 -19.45 -10.69
N ILE B 59 10.17 -18.80 -10.71
CA ILE B 59 11.34 -19.33 -11.44
C ILE B 59 12.50 -19.38 -10.47
N LEU B 60 13.48 -20.23 -10.79
CA LEU B 60 14.64 -20.43 -9.94
C LEU B 60 15.88 -19.94 -10.63
N VAL B 61 16.73 -19.25 -9.87
CA VAL B 61 18.02 -18.80 -10.36
C VAL B 61 19.10 -19.50 -9.53
N GLU B 62 19.84 -20.42 -10.17
CA GLU B 62 20.90 -21.15 -9.49
C GLU B 62 22.20 -20.41 -9.75
N LEU B 63 22.80 -19.92 -8.66
CA LEU B 63 23.99 -19.10 -8.69
C LEU B 63 25.17 -19.87 -8.14
N SER B 64 26.28 -19.83 -8.89
CA SER B 64 27.54 -20.44 -8.44
C SER B 64 28.63 -19.39 -8.49
N ASN B 65 29.76 -19.69 -7.86
CA ASN B 65 30.93 -18.82 -7.90
C ASN B 65 32.20 -19.66 -8.04
N HIS B 66 33.38 -19.09 -7.85
N HIS B 66 33.39 -19.07 -7.87
CA HIS B 66 34.64 -19.83 -8.02
CA HIS B 66 34.66 -19.82 -8.02
C HIS B 66 34.78 -20.99 -7.03
C HIS B 66 34.75 -21.01 -7.06
N ALA B 67 34.19 -20.85 -5.86
CA ALA B 67 34.14 -21.94 -4.88
C ALA B 67 33.19 -23.06 -5.33
N GLU B 68 33.35 -24.25 -4.76
CA GLU B 68 32.54 -25.40 -5.08
C GLU B 68 31.24 -25.25 -4.29
N LEU B 69 30.41 -24.29 -4.69
CA LEU B 69 29.16 -24.07 -3.98
C LEU B 69 28.16 -23.30 -4.81
N SER B 70 26.89 -23.43 -4.44
N SER B 70 26.90 -23.44 -4.45
CA SER B 70 25.78 -22.92 -5.21
CA SER B 70 25.84 -22.78 -5.16
C SER B 70 24.65 -22.60 -4.24
C SER B 70 24.63 -22.59 -4.25
N VAL B 71 23.84 -21.60 -4.61
CA VAL B 71 22.57 -21.33 -3.95
C VAL B 71 21.54 -21.14 -5.02
N THR B 72 20.29 -21.37 -4.68
CA THR B 72 19.22 -21.16 -5.64
C THR B 72 18.23 -20.14 -5.08
N LEU B 73 18.06 -19.04 -5.80
CA LEU B 73 17.08 -18.01 -5.44
C LEU B 73 15.77 -18.36 -6.12
N ALA B 74 14.67 -18.13 -5.42
CA ALA B 74 13.34 -18.18 -6.02
C ALA B 74 12.83 -16.78 -6.31
N LEU B 75 12.42 -16.55 -7.56
CA LEU B 75 11.83 -15.28 -7.97
C LEU B 75 10.34 -15.47 -8.22
N ASP B 76 9.57 -14.50 -7.78
CA ASP B 76 8.12 -14.45 -8.03
C ASP B 76 7.95 -13.87 -9.43
N VAL B 77 7.30 -14.60 -10.32
CA VAL B 77 7.13 -14.12 -11.68
C VAL B 77 6.28 -12.86 -11.76
N THR B 78 5.46 -12.59 -10.75
CA THR B 78 4.55 -11.47 -10.81
C THR B 78 5.24 -10.13 -10.56
N ASN B 79 6.41 -10.16 -9.93
CA ASN B 79 7.17 -8.93 -9.71
C ASN B 79 8.67 -9.03 -9.91
N ALA B 80 9.14 -10.18 -10.38
CA ALA B 80 10.58 -10.46 -10.59
C ALA B 80 11.42 -10.48 -9.33
N TYR B 81 10.79 -10.41 -8.17
CA TYR B 81 11.54 -10.18 -6.93
C TYR B 81 11.89 -11.48 -6.23
N VAL B 82 12.98 -11.44 -5.47
CA VAL B 82 13.44 -12.63 -4.72
C VAL B 82 12.53 -12.87 -3.52
N VAL B 83 12.02 -14.09 -3.38
CA VAL B 83 11.15 -14.44 -2.24
C VAL B 83 11.82 -15.32 -1.20
N GLY B 84 12.96 -15.92 -1.56
CA GLY B 84 13.66 -16.84 -0.69
C GLY B 84 14.74 -17.54 -1.44
N TYR B 85 15.44 -18.45 -0.76
CA TYR B 85 16.52 -19.18 -1.38
C TYR B 85 16.74 -20.51 -0.69
N ARG B 86 17.44 -21.36 -1.42
CA ARG B 86 17.84 -22.68 -0.92
C ARG B 86 19.36 -22.81 -1.01
N ALA B 87 19.95 -23.35 0.04
CA ALA B 87 21.36 -23.78 0.00
C ALA B 87 21.45 -25.09 0.72
N GLY B 88 21.88 -26.11 0.01
CA GLY B 88 21.97 -27.45 0.57
C GLY B 88 20.60 -27.90 1.08
N ASN B 89 20.57 -28.28 2.35
CA ASN B 89 19.36 -28.85 2.93
C ASN B 89 18.49 -27.87 3.70
N SER B 90 18.66 -26.57 3.44
CA SER B 90 17.89 -25.54 4.11
C SER B 90 17.37 -24.52 3.11
N ALA B 91 16.16 -24.02 3.37
CA ALA B 91 15.58 -22.92 2.58
C ALA B 91 15.08 -21.84 3.53
N TYR B 92 15.21 -20.60 3.08
CA TYR B 92 14.87 -19.42 3.84
C TYR B 92 13.99 -18.52 2.99
N PHE B 93 12.91 -18.01 3.59
CA PHE B 93 11.95 -17.19 2.87
C PHE B 93 11.74 -15.88 3.62
N PHE B 94 11.62 -14.79 2.87
CA PHE B 94 11.16 -13.55 3.47
C PHE B 94 9.74 -13.71 3.99
N HIS B 95 9.40 -12.93 5.01
CA HIS B 95 8.04 -12.92 5.56
C HIS B 95 7.04 -12.54 4.45
N PRO B 96 6.08 -13.44 4.16
CA PRO B 96 5.15 -13.14 3.07
C PRO B 96 4.20 -12.01 3.41
N ASP B 97 3.79 -11.28 2.38
CA ASP B 97 2.94 -10.09 2.53
C ASP B 97 1.51 -10.41 2.90
N ASN B 98 1.07 -11.63 2.65
CA ASN B 98 -0.31 -12.04 2.86
C ASN B 98 -0.41 -13.57 2.89
N GLN B 99 -1.59 -14.06 3.24
CA GLN B 99 -1.85 -15.49 3.38
C GLN B 99 -1.68 -16.27 2.06
N GLU B 100 -2.11 -15.67 0.96
CA GLU B 100 -2.01 -16.33 -0.36
C GLU B 100 -0.52 -16.57 -0.69
N ASP B 101 0.32 -15.56 -0.46
CA ASP B 101 1.76 -15.69 -0.70
C ASP B 101 2.41 -16.69 0.24
N ALA B 102 1.99 -16.76 1.51
CA ALA B 102 2.48 -17.76 2.43
C ALA B 102 2.17 -19.16 1.92
N GLU B 103 0.97 -19.34 1.37
CA GLU B 103 0.64 -20.66 0.81
C GLU B 103 1.50 -20.97 -0.44
N ALA B 104 1.68 -19.97 -1.29
CA ALA B 104 2.41 -20.15 -2.53
C ALA B 104 3.83 -20.65 -2.27
N ILE B 105 4.51 -20.08 -1.27
CA ILE B 105 5.90 -20.49 -1.03
C ILE B 105 6.07 -21.89 -0.46
N THR B 106 4.99 -22.51 0.04
CA THR B 106 5.08 -23.89 0.43
C THR B 106 5.35 -24.84 -0.74
N HIS B 107 5.16 -24.36 -1.97
CA HIS B 107 5.44 -25.13 -3.18
C HIS B 107 6.89 -25.01 -3.68
N LEU B 108 7.70 -24.22 -2.97
CA LEU B 108 9.12 -24.04 -3.29
C LEU B 108 9.98 -24.96 -2.44
N PHE B 109 10.98 -25.54 -3.09
CA PHE B 109 12.06 -26.27 -2.40
C PHE B 109 11.45 -27.35 -1.49
N THR B 110 10.52 -28.12 -2.03
CA THR B 110 9.71 -28.99 -1.20
C THR B 110 10.46 -30.19 -0.64
N ASP B 111 11.67 -30.48 -1.13
CA ASP B 111 12.46 -31.60 -0.64
C ASP B 111 13.46 -31.21 0.45
N VAL B 112 13.60 -29.91 0.77
CA VAL B 112 14.58 -29.55 1.79
C VAL B 112 14.15 -30.00 3.15
N GLN B 113 15.14 -30.31 3.98
CA GLN B 113 14.90 -30.79 5.32
C GLN B 113 14.44 -29.67 6.23
N ASN B 114 15.03 -28.48 6.07
CA ASN B 114 14.82 -27.38 6.98
C ASN B 114 14.27 -26.18 6.23
N ARG B 115 13.12 -25.68 6.67
CA ARG B 115 12.46 -24.50 6.08
C ARG B 115 12.35 -23.44 7.15
N TYR B 116 12.61 -22.19 6.79
CA TYR B 116 12.50 -21.08 7.71
C TYR B 116 11.93 -19.87 7.01
N THR B 117 10.98 -19.22 7.67
CA THR B 117 10.46 -17.95 7.21
C THR B 117 10.92 -16.86 8.16
N PHE B 118 11.70 -15.91 7.64
CA PHE B 118 12.15 -14.78 8.43
C PHE B 118 10.95 -13.97 8.96
N ALA B 119 11.14 -13.32 10.09
CA ALA B 119 10.14 -12.40 10.64
C ALA B 119 9.97 -11.14 9.77
N PHE B 120 11.04 -10.81 9.06
CA PHE B 120 11.11 -9.61 8.23
C PHE B 120 10.89 -9.94 6.77
N GLY B 121 10.37 -8.95 6.06
CA GLY B 121 10.26 -9.00 4.61
C GLY B 121 11.53 -8.62 3.89
N GLY B 122 11.47 -8.74 2.56
CA GLY B 122 12.64 -8.47 1.70
C GLY B 122 12.67 -7.07 1.09
N ASN B 123 11.90 -6.14 1.64
CA ASN B 123 11.91 -4.76 1.16
C ASN B 123 13.23 -4.09 1.55
N TYR B 124 13.69 -3.19 0.67
CA TYR B 124 14.95 -2.51 0.90
C TYR B 124 15.03 -1.76 2.21
N ASP B 125 13.94 -1.12 2.64
CA ASP B 125 14.00 -0.33 3.88
C ASP B 125 14.47 -1.20 5.04
N ARG B 126 13.89 -2.39 5.13
CA ARG B 126 14.22 -3.35 6.17
C ARG B 126 15.59 -3.94 5.96
N LEU B 127 15.88 -4.37 4.74
CA LEU B 127 17.17 -5.01 4.49
C LEU B 127 18.33 -4.06 4.73
N GLU B 128 18.18 -2.79 4.37
CA GLU B 128 19.22 -1.78 4.61
C GLU B 128 19.48 -1.63 6.10
N GLN B 129 18.39 -1.61 6.87
CA GLN B 129 18.55 -1.53 8.34
C GLN B 129 19.32 -2.71 8.87
N LEU B 130 18.95 -3.91 8.45
CA LEU B 130 19.65 -5.12 8.88
C LEU B 130 21.11 -5.13 8.42
N ALA B 131 21.33 -4.67 7.20
CA ALA B 131 22.70 -4.61 6.64
C ALA B 131 23.58 -3.60 7.32
N GLY B 132 22.97 -2.59 7.93
CA GLY B 132 23.71 -1.46 8.45
C GLY B 132 24.21 -0.49 7.41
N ASN B 133 23.71 -0.56 6.17
CA ASN B 133 24.02 0.40 5.16
C ASN B 133 22.87 0.54 4.20
N LEU B 134 22.72 1.75 3.70
CA LEU B 134 21.81 2.06 2.61
C LEU B 134 22.36 1.52 1.29
N ARG B 135 21.47 1.34 0.31
CA ARG B 135 21.89 0.96 -1.04
C ARG B 135 23.00 1.84 -1.62
N GLU B 136 22.96 3.14 -1.31
CA GLU B 136 23.97 4.04 -1.82
C GLU B 136 25.37 3.74 -1.31
N ASN B 137 25.50 2.91 -0.28
CA ASN B 137 26.80 2.51 0.26
C ASN B 137 27.06 1.02 0.22
N ILE B 138 26.33 0.29 -0.63
CA ILE B 138 26.59 -1.13 -0.83
C ILE B 138 27.06 -1.35 -2.26
N GLU B 139 28.30 -1.80 -2.40
CA GLU B 139 28.89 -1.96 -3.72
C GLU B 139 28.25 -3.11 -4.48
N LEU B 140 28.05 -2.91 -5.78
CA LEU B 140 27.58 -3.95 -6.71
C LEU B 140 28.64 -4.26 -7.74
N GLY B 141 28.56 -5.46 -8.30
CA GLY B 141 29.49 -5.92 -9.31
C GLY B 141 29.72 -7.41 -9.17
N ASN B 142 30.63 -7.95 -9.97
CA ASN B 142 30.84 -9.39 -9.93
C ASN B 142 31.47 -9.86 -8.62
N GLY B 143 32.35 -9.06 -8.04
CA GLY B 143 32.98 -9.36 -6.78
C GLY B 143 31.95 -9.40 -5.66
N PRO B 144 31.14 -8.34 -5.53
CA PRO B 144 30.09 -8.40 -4.54
C PRO B 144 29.14 -9.55 -4.73
N LEU B 145 28.77 -9.88 -5.97
CA LEU B 145 27.87 -11.01 -6.21
C LEU B 145 28.50 -12.35 -5.81
N GLU B 146 29.76 -12.52 -6.15
CA GLU B 146 30.51 -13.71 -5.74
C GLU B 146 30.46 -13.89 -4.24
N GLU B 147 30.73 -12.81 -3.53
CA GLU B 147 30.77 -12.81 -2.06
C GLU B 147 29.38 -13.04 -1.48
N ALA B 148 28.37 -12.45 -2.11
CA ALA B 148 26.99 -12.63 -1.70
C ALA B 148 26.57 -14.07 -1.78
N ILE B 149 26.94 -14.75 -2.85
CA ILE B 149 26.62 -16.15 -3.03
C ILE B 149 27.22 -16.99 -1.89
N SER B 150 28.49 -16.74 -1.55
CA SER B 150 29.11 -17.48 -0.47
C SER B 150 28.43 -17.21 0.86
N ALA B 151 28.08 -15.95 1.11
CA ALA B 151 27.40 -15.58 2.36
C ALA B 151 26.07 -16.31 2.50
N LEU B 152 25.29 -16.32 1.43
CA LEU B 152 24.03 -17.04 1.44
C LEU B 152 24.28 -18.52 1.72
N TYR B 153 25.28 -19.08 1.07
CA TYR B 153 25.57 -20.49 1.22
C TYR B 153 25.92 -20.88 2.68
N TYR B 154 26.72 -20.07 3.33
CA TYR B 154 27.21 -20.40 4.68
C TYR B 154 26.28 -19.97 5.81
N TYR B 155 25.14 -19.37 5.48
CA TYR B 155 24.25 -18.90 6.53
C TYR B 155 23.75 -20.04 7.43
N SER B 156 23.33 -21.14 6.85
CA SER B 156 22.73 -22.22 7.67
C SER B 156 23.71 -22.86 8.64
N THR B 157 25.00 -22.80 8.34
CA THR B 157 26.01 -23.44 9.16
C THR B 157 26.68 -22.46 10.13
N GLY B 158 26.13 -21.25 10.24
CA GLY B 158 26.60 -20.30 11.23
C GLY B 158 27.72 -19.39 10.77
N GLY B 159 28.08 -19.47 9.49
CA GLY B 159 29.20 -18.72 8.96
C GLY B 159 28.93 -17.27 8.56
N THR B 160 27.66 -16.85 8.61
CA THR B 160 27.26 -15.55 8.09
C THR B 160 26.45 -14.76 9.09
N GLN B 161 26.97 -13.60 9.45
CA GLN B 161 26.25 -12.73 10.34
C GLN B 161 25.08 -12.10 9.59
N LEU B 162 24.06 -11.74 10.37
CA LEU B 162 22.86 -11.13 9.79
C LEU B 162 23.14 -9.92 8.89
N PRO B 163 24.00 -8.97 9.29
CA PRO B 163 24.18 -7.81 8.41
C PRO B 163 24.77 -8.21 7.05
N THR B 164 25.67 -9.18 7.06
CA THR B 164 26.23 -9.71 5.82
C THR B 164 25.20 -10.43 4.97
N LEU B 165 24.32 -11.20 5.62
CA LEU B 165 23.22 -11.83 4.90
C LEU B 165 22.32 -10.78 4.22
N ALA B 166 21.96 -9.76 4.96
CA ALA B 166 21.05 -8.75 4.43
C ALA B 166 21.72 -7.99 3.29
N ARG B 167 23.00 -7.66 3.44
CA ARG B 167 23.73 -6.99 2.37
C ARG B 167 23.77 -7.87 1.12
N SER B 168 23.99 -9.17 1.32
CA SER B 168 24.04 -10.13 0.22
C SER B 168 22.70 -10.20 -0.51
N PHE B 169 21.59 -10.17 0.23
CA PHE B 169 20.28 -10.09 -0.41
C PHE B 169 20.15 -8.84 -1.26
N ILE B 170 20.59 -7.71 -0.70
CA ILE B 170 20.49 -6.44 -1.43
C ILE B 170 21.25 -6.52 -2.76
N ILE B 171 22.42 -7.12 -2.73
CA ILE B 171 23.25 -7.31 -3.93
C ILE B 171 22.53 -8.18 -4.95
N CYS B 172 22.04 -9.33 -4.51
CA CYS B 172 21.40 -10.27 -5.43
C CYS B 172 20.15 -9.65 -6.04
N ILE B 173 19.35 -9.00 -5.21
CA ILE B 173 18.09 -8.45 -5.69
C ILE B 173 18.36 -7.41 -6.78
N GLN B 174 19.31 -6.52 -6.55
CA GLN B 174 19.56 -5.49 -7.55
C GLN B 174 20.19 -6.03 -8.81
N MET B 175 21.12 -6.99 -8.67
CA MET B 175 21.83 -7.48 -9.83
C MET B 175 21.04 -8.47 -10.67
N ILE B 176 19.92 -8.97 -10.11
CA ILE B 176 19.11 -9.96 -10.81
C ILE B 176 17.70 -9.39 -11.03
N SER B 177 16.93 -9.20 -9.95
CA SER B 177 15.55 -8.69 -10.10
C SER B 177 15.51 -7.31 -10.75
N GLU B 178 16.30 -6.36 -10.23
CA GLU B 178 16.19 -5.01 -10.74
C GLU B 178 16.79 -4.87 -12.14
N ALA B 179 17.86 -5.63 -12.39
CA ALA B 179 18.45 -5.70 -13.75
C ALA B 179 17.46 -6.29 -14.74
N ALA B 180 16.71 -7.31 -14.33
CA ALA B 180 15.67 -7.88 -15.19
C ALA B 180 14.59 -6.83 -15.48
N ARG B 181 14.19 -6.06 -14.47
CA ARG B 181 13.15 -5.06 -14.61
C ARG B 181 13.54 -3.88 -15.48
N PHE B 182 14.83 -3.52 -15.46
CA PHE B 182 15.28 -2.29 -16.13
C PHE B 182 16.54 -2.52 -16.95
N GLN B 183 16.45 -2.29 -18.26
CA GLN B 183 17.64 -2.31 -19.11
C GLN B 183 18.66 -1.32 -18.58
N TYR B 184 18.22 -0.22 -18.02
CA TYR B 184 19.13 0.79 -17.50
C TYR B 184 20.01 0.21 -16.40
N ILE B 185 19.41 -0.59 -15.52
CA ILE B 185 20.15 -1.17 -14.41
C ILE B 185 21.02 -2.32 -14.90
N GLU B 186 20.48 -3.13 -15.83
CA GLU B 186 21.31 -4.13 -16.50
C GLU B 186 22.58 -3.45 -17.08
N GLY B 187 22.40 -2.31 -17.73
CA GLY B 187 23.55 -1.60 -18.34
C GLY B 187 24.56 -1.15 -17.31
N GLU B 188 24.05 -0.66 -16.18
CA GLU B 188 24.91 -0.28 -15.06
C GLU B 188 25.74 -1.45 -14.57
N MET B 189 25.14 -2.63 -14.50
CA MET B 189 25.86 -3.82 -14.06
C MET B 189 26.88 -4.29 -15.10
N ARG B 190 26.48 -4.20 -16.37
CA ARG B 190 27.38 -4.56 -17.45
C ARG B 190 28.64 -3.71 -17.39
N THR B 191 28.49 -2.41 -17.15
CA THR B 191 29.64 -1.50 -17.10
C THR B 191 30.58 -1.88 -15.95
N ARG B 192 30.02 -2.19 -14.80
CA ARG B 192 30.82 -2.65 -13.68
C ARG B 192 31.58 -3.94 -14.01
N ILE B 193 30.91 -4.87 -14.65
CA ILE B 193 31.56 -6.13 -15.04
C ILE B 193 32.69 -5.84 -16.04
N ARG B 194 32.39 -5.02 -17.06
CA ARG B 194 33.38 -4.72 -18.11
C ARG B 194 34.68 -4.17 -17.54
N TYR B 195 34.56 -3.31 -16.54
CA TYR B 195 35.70 -2.63 -15.96
C TYR B 195 36.18 -3.21 -14.64
N ASN B 196 35.79 -4.47 -14.36
CA ASN B 196 36.23 -5.17 -13.15
C ASN B 196 36.05 -4.33 -11.90
N ARG B 197 34.86 -3.74 -11.79
CA ARG B 197 34.59 -2.68 -10.84
C ARG B 197 33.57 -3.15 -9.83
N ARG B 198 33.72 -2.68 -8.62
CA ARG B 198 32.66 -2.79 -7.61
C ARG B 198 32.34 -1.40 -7.12
N SER B 199 31.06 -1.01 -7.16
CA SER B 199 30.67 0.35 -6.80
C SER B 199 29.18 0.40 -6.53
N ALA B 200 28.78 1.27 -5.63
CA ALA B 200 27.39 1.40 -5.24
C ALA B 200 26.58 2.05 -6.36
N PRO B 201 25.27 1.79 -6.39
CA PRO B 201 24.38 2.45 -7.34
C PRO B 201 24.17 3.91 -7.01
N ASP B 202 24.04 4.73 -8.04
CA ASP B 202 23.74 6.15 -7.86
C ASP B 202 22.24 6.41 -7.70
N PRO B 203 21.84 7.65 -7.42
CA PRO B 203 20.42 7.91 -7.16
C PRO B 203 19.52 7.62 -8.34
N SER B 204 20.02 7.65 -9.57
CA SER B 204 19.16 7.32 -10.72
C SER B 204 18.73 5.85 -10.66
N VAL B 205 19.63 4.98 -10.25
CA VAL B 205 19.33 3.55 -10.14
C VAL B 205 18.40 3.33 -8.95
N ILE B 206 18.73 3.93 -7.82
CA ILE B 206 17.95 3.74 -6.60
C ILE B 206 16.52 4.21 -6.77
N THR B 207 16.34 5.37 -7.39
CA THR B 207 14.99 5.90 -7.58
C THR B 207 14.20 5.10 -8.58
N LEU B 208 14.83 4.59 -9.65
CA LEU B 208 14.15 3.65 -10.54
C LEU B 208 13.63 2.44 -9.77
N GLU B 209 14.48 1.86 -8.94
CA GLU B 209 14.09 0.71 -8.15
C GLU B 209 12.88 1.06 -7.30
N ASN B 210 12.94 2.21 -6.64
CA ASN B 210 11.88 2.61 -5.74
C ASN B 210 10.57 2.87 -6.46
N SER B 211 10.69 3.30 -7.72
CA SER B 211 9.55 3.78 -8.48
C SER B 211 9.00 2.79 -9.46
N TRP B 212 9.46 1.55 -9.44
CA TRP B 212 9.08 0.58 -10.48
C TRP B 212 7.58 0.36 -10.53
N GLY B 213 6.94 0.23 -9.38
CA GLY B 213 5.48 0.07 -9.34
C GLY B 213 4.78 1.29 -9.84
N ARG B 214 5.24 2.47 -9.43
CA ARG B 214 4.62 3.74 -9.88
C ARG B 214 4.75 3.92 -11.39
N LEU B 215 5.91 3.54 -11.93
CA LEU B 215 6.15 3.64 -13.36
C LEU B 215 5.26 2.66 -14.14
N SER B 216 5.15 1.45 -13.63
CA SER B 216 4.26 0.42 -14.19
C SER B 216 2.83 0.95 -14.26
N THR B 217 2.37 1.56 -13.18
CA THR B 217 1.01 2.12 -13.14
C THR B 217 0.85 3.26 -14.11
N ALA B 218 1.79 4.20 -14.10
CA ALA B 218 1.71 5.35 -15.01
C ALA B 218 1.65 4.93 -16.46
N ILE B 219 2.49 3.96 -16.85
CA ILE B 219 2.53 3.51 -18.22
C ILE B 219 1.22 2.81 -18.60
N GLN B 220 0.75 1.91 -17.74
CA GLN B 220 -0.43 1.10 -18.08
C GLN B 220 -1.72 1.90 -18.06
N GLU B 221 -1.75 2.98 -17.27
CA GLU B 221 -2.95 3.81 -17.20
C GLU B 221 -2.81 5.06 -18.07
N SER B 222 -1.76 5.15 -18.89
CA SER B 222 -1.50 6.30 -19.75
C SER B 222 -2.53 6.39 -20.90
N ASN B 223 -2.64 7.57 -21.49
CA ASN B 223 -3.45 7.77 -22.68
C ASN B 223 -2.51 7.70 -23.89
N GLN B 224 -2.51 6.54 -24.56
CA GLN B 224 -1.62 6.28 -25.70
C GLN B 224 -0.17 6.64 -25.36
N GLY B 225 0.24 6.29 -24.15
CA GLY B 225 1.60 6.57 -23.67
C GLY B 225 1.79 7.82 -22.84
N ALA B 226 0.87 8.79 -22.95
CA ALA B 226 0.97 10.05 -22.19
C ALA B 226 0.49 9.85 -20.76
N PHE B 227 1.36 10.14 -19.78
CA PHE B 227 0.98 9.91 -18.38
C PHE B 227 -0.10 10.88 -17.91
N ALA B 228 -0.99 10.38 -17.05
CA ALA B 228 -2.06 11.19 -16.46
C ALA B 228 -1.49 12.20 -15.45
N SER B 229 -0.40 11.82 -14.81
CA SER B 229 0.37 12.78 -14.03
C SER B 229 1.83 12.34 -14.08
N PRO B 230 2.78 13.29 -14.01
CA PRO B 230 4.19 12.94 -14.11
C PRO B 230 4.70 12.08 -12.96
N ILE B 231 5.77 11.35 -13.22
CA ILE B 231 6.44 10.55 -12.22
C ILE B 231 7.80 11.17 -11.99
N GLN B 232 8.11 11.38 -10.72
CA GLN B 232 9.37 12.00 -10.33
C GLN B 232 10.43 10.93 -10.14
N LEU B 233 11.61 11.18 -10.73
CA LEU B 233 12.79 10.32 -10.59
C LEU B 233 13.97 11.21 -10.23
N GLN B 234 15.15 10.62 -10.03
CA GLN B 234 16.35 11.41 -9.76
C GLN B 234 17.41 11.17 -10.81
N ARG B 235 18.14 12.25 -11.13
CA ARG B 235 19.29 12.18 -12.01
C ARG B 235 20.45 11.53 -11.24
N ARG B 236 21.55 11.29 -11.94
N ARG B 236 21.57 11.33 -11.94
CA ARG B 236 22.72 10.68 -11.30
CA ARG B 236 22.72 10.67 -11.32
C ARG B 236 23.30 11.45 -10.11
C ARG B 236 23.34 11.44 -10.16
N ASN B 237 23.13 12.76 -10.09
CA ASN B 237 23.56 13.60 -8.97
C ASN B 237 22.50 13.76 -7.87
N GLY B 238 21.36 13.10 -8.02
CA GLY B 238 20.28 13.20 -7.03
C GLY B 238 19.24 14.28 -7.28
N SER B 239 19.44 15.11 -8.28
CA SER B 239 18.45 16.17 -8.60
C SER B 239 17.17 15.53 -9.13
N LYS B 240 16.03 16.09 -8.75
CA LYS B 240 14.72 15.57 -9.19
C LYS B 240 14.32 15.99 -10.61
N PHE B 241 13.68 15.10 -11.35
CA PHE B 241 13.10 15.45 -12.63
C PHE B 241 11.84 14.63 -12.87
N SER B 242 11.00 15.11 -13.77
CA SER B 242 9.73 14.47 -14.07
C SER B 242 9.72 13.79 -15.42
N VAL B 243 9.07 12.63 -15.49
CA VAL B 243 8.81 11.93 -16.74
C VAL B 243 7.31 11.99 -17.02
N TYR B 244 6.96 12.26 -18.27
CA TYR B 244 5.58 12.54 -18.71
C TYR B 244 4.98 11.55 -19.71
N ASP B 245 5.80 10.64 -20.23
CA ASP B 245 5.37 9.81 -21.36
C ASP B 245 6.20 8.55 -21.36
N VAL B 246 5.63 7.45 -21.83
CA VAL B 246 6.36 6.20 -21.93
C VAL B 246 7.56 6.24 -22.90
N SER B 247 7.53 7.11 -23.90
CA SER B 247 8.58 7.07 -24.94
C SER B 247 9.97 7.16 -24.34
N ILE B 248 10.17 8.07 -23.39
CA ILE B 248 11.47 8.27 -22.75
C ILE B 248 11.92 7.03 -21.96
N LEU B 249 10.96 6.21 -21.54
CA LEU B 249 11.26 5.01 -20.76
C LEU B 249 11.47 3.73 -21.55
N ILE B 250 11.22 3.72 -22.85
CA ILE B 250 11.36 2.50 -23.63
C ILE B 250 12.79 1.90 -23.57
N PRO B 251 13.83 2.73 -23.61
CA PRO B 251 15.19 2.17 -23.44
C PRO B 251 15.57 1.83 -21.99
N ILE B 252 14.69 2.16 -21.04
CA ILE B 252 14.99 2.14 -19.60
C ILE B 252 14.35 0.97 -18.85
N ILE B 253 13.05 0.78 -19.08
CA ILE B 253 12.26 -0.22 -18.37
C ILE B 253 11.95 -1.39 -19.27
N ALA B 254 12.21 -2.61 -18.78
CA ALA B 254 12.08 -3.87 -19.54
C ALA B 254 10.85 -4.71 -19.20
N LEU B 255 10.33 -4.54 -18.00
CA LEU B 255 9.22 -5.33 -17.45
C LEU B 255 8.38 -4.43 -16.59
N MET B 256 7.07 -4.69 -16.52
CA MET B 256 6.17 -3.98 -15.59
C MET B 256 5.31 -4.96 -14.83
N VAL B 257 4.98 -4.60 -13.60
CA VAL B 257 4.01 -5.37 -12.81
C VAL B 257 2.63 -5.14 -13.40
N TYR B 258 1.82 -6.20 -13.43
CA TYR B 258 0.46 -6.11 -13.96
C TYR B 258 -0.37 -5.05 -13.23
N ARG B 259 -1.07 -4.26 -14.04
CA ARG B 259 -2.14 -3.37 -13.62
C ARG B 259 -3.33 -3.57 -14.57
N CYS B 260 -4.53 -3.32 -14.06
CA CYS B 260 -5.76 -3.51 -14.82
C CYS B 260 -5.82 -2.49 -15.95
N ALA B 261 -6.07 -2.91 -17.20
CA ALA B 261 -6.04 -2.00 -18.34
C ALA B 261 -7.25 -1.07 -18.26
N PRO B 262 -7.05 0.22 -18.58
CA PRO B 262 -8.20 1.16 -18.55
C PRO B 262 -9.16 0.87 -19.71
N PRO B 263 -10.41 1.39 -19.64
CA PRO B 263 -11.42 1.16 -20.68
C PRO B 263 -11.21 1.99 -21.94
O1 R6T C . -2.31 -2.06 19.72
C14 R6T C . -1.85 -2.38 20.85
N R6T C . -0.67 -1.97 21.25
C6 R6T C . -2.69 -3.25 21.72
C5 R6T C . -3.48 -2.81 22.75
C4 R6T C . -4.30 -3.68 23.49
C3 R6T C . -4.38 -5.05 23.25
C2 R6T C . -3.65 -5.56 22.19
C7 R6T C . -3.52 -6.95 21.76
O2 R6T C . -4.70 -7.71 21.68
C8 R6T C . -2.63 -6.87 20.61
C13 R6T C . -2.19 -7.90 19.83
C12 R6T C . -1.28 -7.65 18.85
C11 R6T C . -0.79 -6.37 18.64
C10 R6T C . -1.18 -5.27 19.41
C9 R6T C . -2.10 -5.53 20.41
C1 R6T C . -2.76 -4.69 21.41
C1 EDO D . -26.63 2.63 -2.58
O1 EDO D . -27.17 2.99 -1.26
C2 EDO D . -26.40 3.81 -3.50
O2 EDO D . -25.04 4.26 -3.55
C1 EDO E . -23.57 -6.44 13.66
O1 EDO E . -24.47 -6.72 14.73
C2 EDO E . -22.12 -6.70 14.03
O2 EDO E . -21.79 -6.05 15.24
C1 EDO F . -17.24 13.13 17.12
O1 EDO F . -16.05 13.58 16.51
C2 EDO F . -17.75 13.94 18.30
O2 EDO F . -19.13 14.16 18.02
C1 EDO G . -2.35 0.90 17.77
O1 EDO G . -1.52 0.22 18.73
C2 EDO G . -1.51 0.98 16.51
O2 EDO G . -1.94 -0.05 15.62
C1 EDO H . -28.02 6.02 4.00
O1 EDO H . -29.17 6.60 4.60
C2 EDO H . -28.19 6.06 2.49
O2 EDO H . -29.47 5.51 2.14
C1 EDO I . -18.24 7.61 30.40
O1 EDO I . -18.94 7.99 31.59
C2 EDO I . -16.94 8.39 30.12
O2 EDO I . -16.86 9.51 30.99
C1 EDO J . -0.36 16.76 20.43
O1 EDO J . -1.19 17.50 19.51
C2 EDO J . 0.16 15.43 19.87
O2 EDO J . 1.59 15.50 19.79
C1 EDO K . -11.81 0.22 31.42
O1 EDO K . -11.29 0.62 32.70
C2 EDO K . -11.46 1.36 30.50
O2 EDO K . -10.12 1.78 30.81
C1 EDO L . -23.04 11.59 16.51
O1 EDO L . -22.36 12.60 17.20
C2 EDO L . -23.33 12.12 15.12
O2 EDO L . -22.14 12.31 14.32
C1 EDO M . -1.19 19.81 -7.85
O1 EDO M . 0.06 20.50 -7.80
C2 EDO M . -2.19 20.67 -8.61
O2 EDO M . -2.07 20.46 -10.02
C1 EDO N . -37.35 8.02 12.69
O1 EDO N . -36.91 9.37 12.87
C2 EDO N . -38.64 7.95 11.93
O2 EDO N . -38.52 6.98 10.91
C1 EDO O . -25.75 26.12 -0.63
O1 EDO O . -25.09 26.66 0.52
C2 EDO O . -25.02 24.86 -1.08
O2 EDO O . -25.94 23.89 -1.59
C1 EDO P . -5.57 -16.54 18.40
O1 EDO P . -6.00 -17.33 19.51
C2 EDO P . -6.45 -16.77 17.19
O2 EDO P . -5.80 -17.67 16.29
C1 EDO Q . -14.68 15.36 13.90
O1 EDO Q . -15.84 15.44 14.75
C2 EDO Q . -14.98 15.49 12.40
O2 EDO Q . -16.37 15.42 12.10
C1 EDO R . -26.67 -6.84 35.03
O1 EDO R . -27.94 -6.81 35.72
C2 EDO R . -26.79 -6.22 33.64
O2 EDO R . -26.81 -4.78 33.62
C1 EDO S . -25.04 16.60 24.34
O1 EDO S . -24.06 15.58 24.58
C2 EDO S . -24.38 17.78 23.64
O2 EDO S . -25.27 18.89 23.57
C1 EDO T . -0.75 11.84 25.31
O1 EDO T . -0.24 12.81 26.24
C2 EDO T . -0.63 10.44 25.84
O2 EDO T . -1.91 9.98 26.33
CL CL U . -13.13 17.22 22.16
CL CL V . -26.36 6.63 24.34
CL CL W . -2.88 -11.98 5.64
CL CL X . -26.84 -0.93 16.31
CL CL Y . 2.19 0.78 13.75
CL CL Z . -9.49 18.34 14.00
CL CL AA . 6.00 6.69 8.06
CL CL BA . 3.95 13.62 16.67
CL CL CA . -8.20 24.20 -10.07
CL CL DA . -34.98 2.64 16.68
C1 EDO EA . 9.07 -16.02 -22.82
O1 EDO EA . 8.48 -16.71 -21.71
C2 EDO EA . 8.87 -14.52 -22.75
O2 EDO EA . 9.64 -13.83 -23.72
C1 EDO FA . 28.77 -9.71 0.97
O1 EDO FA . 29.84 -9.68 1.97
C2 EDO FA . 29.26 -8.90 -0.24
O2 EDO FA . 29.28 -7.51 0.05
C1 EDO GA . 32.13 -18.32 5.89
O1 EDO GA . 32.10 -17.47 7.04
C2 EDO GA . 32.72 -19.68 6.22
O2 EDO GA . 31.95 -20.26 7.28
C1 EDO HA . -8.98 10.08 -27.02
O1 EDO HA . -7.62 10.52 -26.90
C2 EDO HA . -9.51 9.67 -25.66
O2 EDO HA . -9.63 10.81 -24.80
CL CL IA . 7.06 -22.58 3.69
CL CL JA . 13.85 -13.81 11.70
CL CL KA . 11.40 -25.50 -6.27
CL CL LA . 24.80 3.84 4.95
CL CL MA . 9.69 -6.20 7.47
CL CL NA . 33.66 -8.60 -19.88
#